data_8XE3
#
_entry.id   8XE3
#
_cell.length_a   49.548
_cell.length_b   80.096
_cell.length_c   115.771
_cell.angle_alpha   90.000
_cell.angle_beta   90.000
_cell.angle_gamma   90.000
#
_symmetry.space_group_name_H-M   'P 2 21 21'
#
loop_
_entity.id
_entity.type
_entity.pdbx_description
1 polymer "Norbelladine 4'-O-methyltransferase"
2 non-polymer GLYCEROL
3 non-polymer 'MAGNESIUM ION'
4 non-polymer S-ADENOSYL-L-HOMOCYSTEINE
5 water water
#
_entity_poly.entity_id   1
_entity_poly.type   'polypeptide(L)'
_entity_poly.pdbx_seq_one_letter_code
;GPGMGASIDDYSLVHKNILHSEDLLKYILETSAYPREHEQLKGLREVTEKHEWSSALVPADEGLFLSMLLKLMNAKRTIE
IGVYTGYSLLTTALALPEDGKITAIDVNKSYYEIGLPFIQKAGVEHKINFIESEALPVLDQMLEEMKEEDLYDYAFVDAD
KSNYANYHERLVKLVRIGGAILYDNTLWYGSVAYPEYPGLHPEEEVARLSFRNLNTFLAADPRVEISQVSIGDGVTICRR
LY
;
_entity_poly.pdbx_strand_id   A,B
#
loop_
_chem_comp.id
_chem_comp.type
_chem_comp.name
_chem_comp.formula
GOL non-polymer GLYCEROL 'C3 H8 O3'
MG non-polymer 'MAGNESIUM ION' 'Mg 2'
#
# COMPACT_ATOMS: atom_id res chain seq x y z
N GLY A 1 -4.25 15.57 -33.43
CA GLY A 1 -3.57 16.48 -34.33
C GLY A 1 -2.59 15.75 -35.24
N PRO A 2 -2.10 16.43 -36.28
CA PRO A 2 -1.10 15.79 -37.15
C PRO A 2 0.21 15.62 -36.40
N GLY A 3 0.97 14.61 -36.79
CA GLY A 3 2.24 14.33 -36.17
C GLY A 3 2.48 12.87 -35.85
N SER A 7 -1.19 6.31 -31.18
CA SER A 7 -1.46 4.87 -31.18
C SER A 7 -0.75 4.19 -30.01
N ILE A 8 -1.12 2.95 -29.73
CA ILE A 8 -0.65 2.27 -28.52
C ILE A 8 0.75 1.71 -28.72
N ASP A 9 1.01 1.10 -29.88
CA ASP A 9 2.31 0.46 -30.11
C ASP A 9 3.41 1.46 -30.39
N ASP A 10 3.15 2.76 -30.28
CA ASP A 10 4.18 3.76 -30.35
C ASP A 10 4.84 4.02 -29.00
N TYR A 11 4.28 3.50 -27.91
CA TYR A 11 4.82 3.76 -26.58
C TYR A 11 6.01 2.85 -26.29
N SER A 12 7.04 3.42 -25.66
N SER A 12 7.03 3.43 -25.64
CA SER A 12 8.27 2.65 -25.43
CA SER A 12 8.29 2.76 -25.38
C SER A 12 8.28 1.91 -24.09
C SER A 12 8.28 1.94 -24.10
N LEU A 13 7.57 2.42 -23.08
CA LEU A 13 7.73 1.94 -21.71
C LEU A 13 6.84 0.78 -21.33
N VAL A 14 5.90 0.37 -22.20
CA VAL A 14 4.77 -0.45 -21.77
C VAL A 14 5.21 -1.73 -21.06
N HIS A 15 6.31 -2.35 -21.50
CA HIS A 15 6.72 -3.63 -20.91
C HIS A 15 7.73 -3.51 -19.78
N LYS A 16 8.07 -2.30 -19.35
CA LYS A 16 9.05 -2.14 -18.29
C LYS A 16 8.40 -2.38 -16.93
N ASN A 17 9.11 -3.08 -16.04
CA ASN A 17 8.65 -3.35 -14.69
C ASN A 17 9.29 -2.38 -13.70
N ILE A 18 8.56 -2.05 -12.63
CA ILE A 18 9.24 -1.34 -11.56
C ILE A 18 9.87 -2.33 -10.56
N LEU A 19 9.45 -3.61 -10.56
CA LEU A 19 10.09 -4.59 -9.68
C LEU A 19 11.35 -5.16 -10.35
N HIS A 20 12.19 -5.87 -9.56
CA HIS A 20 13.50 -6.21 -10.10
C HIS A 20 13.49 -7.35 -11.11
N SER A 21 12.37 -8.06 -11.25
CA SER A 21 12.29 -9.11 -12.27
C SER A 21 10.84 -9.41 -12.56
N GLU A 22 10.60 -9.91 -13.78
CA GLU A 22 9.27 -10.37 -14.12
C GLU A 22 8.87 -11.56 -13.26
N ASP A 23 9.85 -12.39 -12.87
CA ASP A 23 9.55 -13.53 -12.00
C ASP A 23 8.98 -13.09 -10.66
N LEU A 24 9.53 -12.02 -10.07
CA LEU A 24 8.98 -11.53 -8.81
C LEU A 24 7.55 -11.05 -8.98
N LEU A 25 7.28 -10.30 -10.04
CA LEU A 25 5.91 -9.85 -10.30
C LEU A 25 4.97 -11.03 -10.49
N LYS A 26 5.38 -12.01 -11.29
CA LYS A 26 4.54 -13.17 -11.53
C LYS A 26 4.29 -13.93 -10.23
N TYR A 27 5.31 -14.04 -9.37
CA TYR A 27 5.12 -14.67 -8.06
C TYR A 27 3.98 -14.00 -7.30
N ILE A 28 4.02 -12.66 -7.22
CA ILE A 28 2.99 -11.95 -6.47
C ILE A 28 1.63 -12.24 -7.07
N LEU A 29 1.54 -12.17 -8.40
CA LEU A 29 0.25 -12.31 -9.04
C LEU A 29 -0.28 -13.73 -8.89
N GLU A 30 0.61 -14.72 -9.08
CA GLU A 30 0.16 -16.12 -9.04
C GLU A 30 -0.13 -16.59 -7.62
N THR A 31 0.58 -16.05 -6.64
CA THR A 31 0.47 -16.52 -5.27
C THR A 31 -0.61 -15.80 -4.50
N SER A 32 -0.70 -14.48 -4.69
CA SER A 32 -1.46 -13.62 -3.81
C SER A 32 -2.58 -12.85 -4.50
N ALA A 33 -2.56 -12.70 -5.82
CA ALA A 33 -3.58 -11.90 -6.48
C ALA A 33 -4.60 -12.75 -7.21
N TYR A 34 -4.19 -13.54 -8.20
CA TYR A 34 -5.13 -14.37 -8.93
C TYR A 34 -5.99 -15.27 -8.03
N PRO A 35 -5.45 -15.90 -6.97
CA PRO A 35 -6.31 -16.74 -6.11
C PRO A 35 -7.39 -15.95 -5.35
N ARG A 36 -7.24 -14.63 -5.28
CA ARG A 36 -8.19 -13.76 -4.58
C ARG A 36 -8.98 -12.85 -5.52
N GLU A 37 -8.85 -13.04 -6.82
CA GLU A 37 -9.50 -12.19 -7.80
C GLU A 37 -10.88 -12.76 -8.12
N HIS A 38 -11.91 -11.93 -7.95
CA HIS A 38 -13.27 -12.31 -8.30
C HIS A 38 -13.32 -12.89 -9.72
N GLU A 39 -14.17 -13.90 -9.90
N GLU A 39 -14.20 -13.87 -9.94
CA GLU A 39 -14.34 -14.50 -11.23
CA GLU A 39 -14.24 -14.48 -11.26
C GLU A 39 -14.62 -13.47 -12.31
C GLU A 39 -14.67 -13.51 -12.36
N GLN A 40 -15.50 -12.50 -12.03
CA GLN A 40 -15.80 -11.48 -13.02
C GLN A 40 -14.64 -10.51 -13.23
N LEU A 41 -13.78 -10.31 -12.22
CA LEU A 41 -12.58 -9.51 -12.48
C LEU A 41 -11.62 -10.27 -13.39
N LYS A 42 -11.48 -11.58 -13.16
CA LYS A 42 -10.65 -12.40 -14.04
C LYS A 42 -11.14 -12.31 -15.48
N GLY A 43 -12.46 -12.48 -15.68
CA GLY A 43 -13.01 -12.41 -17.02
C GLY A 43 -12.78 -11.07 -17.67
N LEU A 44 -12.96 -9.99 -16.91
CA LEU A 44 -12.73 -8.65 -17.45
C LEU A 44 -11.26 -8.46 -17.81
N ARG A 45 -10.35 -8.90 -16.94
CA ARG A 45 -8.93 -8.75 -17.24
C ARG A 45 -8.54 -9.52 -18.50
N GLU A 46 -9.08 -10.72 -18.67
CA GLU A 46 -8.66 -11.57 -19.78
C GLU A 46 -9.06 -10.97 -21.13
N VAL A 47 -10.25 -10.38 -21.23
N VAL A 47 -10.27 -10.41 -21.24
CA VAL A 47 -10.64 -9.73 -22.48
CA VAL A 47 -10.64 -9.72 -22.46
C VAL A 47 -9.87 -8.43 -22.68
C VAL A 47 -9.76 -8.50 -22.66
N THR A 48 -9.55 -7.72 -21.59
CA THR A 48 -8.78 -6.49 -21.73
C THR A 48 -7.33 -6.76 -22.15
N GLU A 49 -6.75 -7.88 -21.69
CA GLU A 49 -5.38 -8.21 -22.07
C GLU A 49 -5.22 -8.29 -23.59
N LYS A 50 -6.30 -8.59 -24.30
CA LYS A 50 -6.34 -8.69 -25.75
C LYS A 50 -6.60 -7.36 -26.45
N HIS A 51 -6.88 -6.31 -25.71
CA HIS A 51 -7.26 -5.03 -26.29
C HIS A 51 -6.01 -4.22 -26.63
N GLU A 52 -6.17 -3.32 -27.60
CA GLU A 52 -5.04 -2.53 -28.06
C GLU A 52 -4.40 -1.74 -26.92
N TRP A 53 -5.19 -1.31 -25.94
CA TRP A 53 -4.70 -0.47 -24.85
C TRP A 53 -4.54 -1.25 -23.54
N SER A 54 -4.27 -2.56 -23.63
CA SER A 54 -4.10 -3.39 -22.44
C SER A 54 -3.05 -2.85 -21.48
N SER A 55 -2.07 -2.08 -21.99
CA SER A 55 -1.01 -1.53 -21.15
C SER A 55 -1.55 -0.59 -20.08
N ALA A 56 -2.71 0.02 -20.30
CA ALA A 56 -3.27 0.95 -19.32
C ALA A 56 -4.05 0.25 -18.22
N LEU A 57 -4.18 -1.07 -18.30
CA LEU A 57 -5.01 -1.82 -17.36
C LEU A 57 -4.40 -1.82 -15.96
N VAL A 58 -5.21 -1.54 -14.95
CA VAL A 58 -4.73 -1.66 -13.56
C VAL A 58 -4.45 -3.13 -13.25
N PRO A 59 -3.28 -3.49 -12.73
CA PRO A 59 -2.96 -4.91 -12.54
C PRO A 59 -3.65 -5.48 -11.30
N ALA A 60 -3.68 -6.81 -11.24
CA ALA A 60 -4.50 -7.51 -10.25
C ALA A 60 -3.98 -7.31 -8.83
N ASP A 61 -2.66 -7.22 -8.62
CA ASP A 61 -2.19 -6.98 -7.25
C ASP A 61 -2.55 -5.56 -6.79
N GLU A 62 -2.42 -4.57 -7.67
CA GLU A 62 -2.91 -3.23 -7.36
C GLU A 62 -4.41 -3.25 -7.07
N GLY A 63 -5.19 -3.99 -7.85
CA GLY A 63 -6.63 -4.06 -7.59
C GLY A 63 -6.95 -4.47 -6.17
N LEU A 64 -6.30 -5.54 -5.69
CA LEU A 64 -6.58 -6.01 -4.33
C LEU A 64 -6.18 -4.98 -3.28
N PHE A 65 -5.16 -4.18 -3.58
CA PHE A 65 -4.73 -3.12 -2.68
C PHE A 65 -5.77 -2.00 -2.62
N LEU A 66 -6.30 -1.57 -3.78
CA LEU A 66 -7.40 -0.60 -3.78
C LEU A 66 -8.58 -1.13 -2.99
N SER A 67 -8.94 -2.39 -3.22
CA SER A 67 -10.05 -3.00 -2.51
C SER A 67 -9.82 -2.96 -1.01
N MET A 68 -8.60 -3.29 -0.59
CA MET A 68 -8.29 -3.32 0.83
C MET A 68 -8.40 -1.93 1.45
N LEU A 69 -7.92 -0.91 0.76
CA LEU A 69 -8.03 0.45 1.28
C LEU A 69 -9.49 0.86 1.45
N LEU A 70 -10.31 0.59 0.41
CA LEU A 70 -11.73 0.92 0.46
C LEU A 70 -12.42 0.27 1.66
N LYS A 71 -12.15 -1.01 1.90
CA LYS A 71 -12.80 -1.69 3.04
C LYS A 71 -12.29 -1.16 4.37
N LEU A 72 -10.98 -0.94 4.49
CA LEU A 72 -10.45 -0.50 5.77
C LEU A 72 -10.96 0.89 6.14
N MET A 73 -11.16 1.75 5.17
CA MET A 73 -11.65 3.08 5.49
C MET A 73 -13.18 3.15 5.48
N ASN A 74 -13.86 2.03 5.27
N ASN A 74 -13.86 2.02 5.25
CA ASN A 74 -15.32 1.95 5.24
CA ASN A 74 -15.32 1.94 5.24
C ASN A 74 -15.93 2.96 4.25
C ASN A 74 -15.93 2.93 4.25
N ALA A 75 -15.34 3.02 3.06
CA ALA A 75 -15.84 3.92 2.04
C ALA A 75 -17.25 3.54 1.63
N LYS A 76 -18.05 4.54 1.33
CA LYS A 76 -19.42 4.30 0.86
C LYS A 76 -19.75 5.03 -0.43
N ARG A 77 -19.14 6.20 -0.65
CA ARG A 77 -19.39 6.96 -1.87
C ARG A 77 -18.05 7.32 -2.51
N THR A 78 -17.87 6.96 -3.77
CA THR A 78 -16.57 7.14 -4.41
C THR A 78 -16.72 7.71 -5.81
N ILE A 79 -15.59 8.17 -6.34
CA ILE A 79 -15.51 8.66 -7.71
C ILE A 79 -14.32 7.98 -8.39
N GLU A 80 -14.54 7.55 -9.62
CA GLU A 80 -13.54 6.84 -10.42
C GLU A 80 -13.34 7.65 -11.69
N ILE A 81 -12.12 8.14 -11.92
CA ILE A 81 -11.82 8.99 -13.05
C ILE A 81 -10.83 8.26 -13.94
N GLY A 82 -11.31 7.78 -15.11
CA GLY A 82 -10.50 6.96 -15.99
C GLY A 82 -10.89 5.50 -15.78
N VAL A 83 -11.89 5.05 -16.53
CA VAL A 83 -12.51 3.76 -16.30
C VAL A 83 -11.93 2.68 -17.22
N TYR A 84 -11.69 3.04 -18.48
CA TYR A 84 -11.26 2.07 -19.51
C TYR A 84 -12.27 0.91 -19.50
N THR A 85 -11.83 -0.36 -19.46
CA THR A 85 -12.76 -1.48 -19.48
C THR A 85 -13.38 -1.78 -18.12
N GLY A 86 -12.98 -1.11 -17.05
CA GLY A 86 -13.69 -1.20 -15.79
C GLY A 86 -13.03 -2.02 -14.70
N TYR A 87 -11.73 -2.32 -14.80
CA TYR A 87 -11.14 -3.23 -13.81
C TYR A 87 -11.13 -2.58 -12.42
N SER A 88 -10.59 -1.38 -12.30
CA SER A 88 -10.59 -0.77 -10.99
C SER A 88 -12.01 -0.38 -10.58
N LEU A 89 -12.87 -0.09 -11.55
CA LEU A 89 -14.27 0.25 -11.21
C LEU A 89 -14.99 -0.96 -10.63
N LEU A 90 -14.84 -2.12 -11.26
CA LEU A 90 -15.43 -3.33 -10.73
C LEU A 90 -14.82 -3.71 -9.39
N THR A 91 -13.50 -3.55 -9.24
CA THR A 91 -12.90 -3.72 -7.92
C THR A 91 -13.57 -2.86 -6.87
N THR A 92 -13.76 -1.57 -7.19
CA THR A 92 -14.39 -0.67 -6.22
C THR A 92 -15.81 -1.12 -5.92
N ALA A 93 -16.56 -1.50 -6.96
CA ALA A 93 -17.98 -1.79 -6.77
C ALA A 93 -18.16 -3.06 -5.94
N LEU A 94 -17.27 -4.03 -6.11
CA LEU A 94 -17.32 -5.24 -5.29
C LEU A 94 -16.92 -4.96 -3.85
N ALA A 95 -16.03 -3.99 -3.63
CA ALA A 95 -15.54 -3.69 -2.29
C ALA A 95 -16.59 -2.97 -1.46
N LEU A 96 -17.39 -2.11 -2.09
CA LEU A 96 -18.33 -1.27 -1.36
C LEU A 96 -19.51 -2.08 -0.83
N PRO A 97 -20.20 -1.56 0.19
CA PRO A 97 -21.40 -2.24 0.69
C PRO A 97 -22.48 -2.28 -0.38
N GLU A 98 -23.56 -3.01 -0.07
CA GLU A 98 -24.63 -3.20 -1.04
C GLU A 98 -25.25 -1.87 -1.46
N ASP A 99 -25.25 -0.88 -0.57
CA ASP A 99 -25.81 0.42 -0.89
C ASP A 99 -24.75 1.47 -1.19
N GLY A 100 -23.52 1.05 -1.53
CA GLY A 100 -22.50 1.99 -1.93
C GLY A 100 -22.76 2.61 -3.30
N LYS A 101 -22.11 3.74 -3.57
CA LYS A 101 -22.33 4.38 -4.85
C LYS A 101 -21.04 4.95 -5.41
N ILE A 102 -20.94 4.87 -6.74
CA ILE A 102 -19.75 5.29 -7.47
C ILE A 102 -20.19 6.22 -8.58
N THR A 103 -19.51 7.36 -8.71
CA THR A 103 -19.58 8.16 -9.92
C THR A 103 -18.36 7.81 -10.77
N ALA A 104 -18.60 7.29 -11.98
CA ALA A 104 -17.52 6.82 -12.85
C ALA A 104 -17.50 7.70 -14.11
N ILE A 105 -16.33 8.23 -14.46
CA ILE A 105 -16.22 9.21 -15.55
C ILE A 105 -15.16 8.73 -16.55
N ASP A 106 -15.56 8.60 -17.83
CA ASP A 106 -14.57 8.33 -18.88
C ASP A 106 -15.05 9.01 -20.16
N VAL A 107 -14.09 9.47 -20.97
CA VAL A 107 -14.39 10.02 -22.28
C VAL A 107 -14.90 8.97 -23.26
N ASN A 108 -14.64 7.70 -23.02
CA ASN A 108 -14.92 6.65 -24.00
C ASN A 108 -15.78 5.57 -23.36
N LYS A 109 -17.09 5.63 -23.60
N LYS A 109 -17.09 5.63 -23.60
CA LYS A 109 -17.98 4.62 -23.07
CA LYS A 109 -17.99 4.63 -23.09
C LYS A 109 -17.84 3.28 -23.79
C LYS A 109 -17.84 3.28 -23.79
N SER A 110 -17.30 3.27 -25.01
CA SER A 110 -17.16 1.98 -25.71
C SER A 110 -16.20 1.04 -24.97
N TYR A 111 -15.14 1.59 -24.36
CA TYR A 111 -14.26 0.80 -23.49
C TYR A 111 -15.04 0.20 -22.32
N TYR A 112 -15.84 1.04 -21.65
CA TYR A 112 -16.66 0.59 -20.54
C TYR A 112 -17.55 -0.56 -20.96
N GLU A 113 -18.11 -0.49 -22.17
CA GLU A 113 -19.01 -1.54 -22.60
C GLU A 113 -18.30 -2.88 -22.82
N ILE A 114 -16.97 -2.86 -22.97
CA ILE A 114 -16.23 -4.13 -22.99
C ILE A 114 -16.34 -4.82 -21.63
N GLY A 115 -16.17 -4.08 -20.55
CA GLY A 115 -16.23 -4.69 -19.23
C GLY A 115 -17.61 -4.78 -18.63
N LEU A 116 -18.56 -4.00 -19.15
CA LEU A 116 -19.90 -3.97 -18.54
C LEU A 116 -20.55 -5.34 -18.35
N PRO A 117 -20.47 -6.29 -19.29
CA PRO A 117 -21.07 -7.61 -19.03
C PRO A 117 -20.57 -8.27 -17.76
N PHE A 118 -19.29 -8.11 -17.40
CA PHE A 118 -18.76 -8.71 -16.18
C PHE A 118 -19.24 -7.95 -14.95
N ILE A 119 -19.31 -6.62 -15.04
CA ILE A 119 -19.88 -5.83 -13.96
C ILE A 119 -21.32 -6.23 -13.70
N GLN A 120 -22.10 -6.44 -14.77
CA GLN A 120 -23.48 -6.86 -14.59
C GLN A 120 -23.55 -8.23 -13.93
N LYS A 121 -22.77 -9.19 -14.41
CA LYS A 121 -22.84 -10.52 -13.84
C LYS A 121 -22.37 -10.55 -12.39
N ALA A 122 -21.51 -9.60 -11.99
CA ALA A 122 -21.10 -9.50 -10.59
C ALA A 122 -22.20 -8.91 -9.71
N GLY A 123 -23.30 -8.41 -10.30
CA GLY A 123 -24.42 -7.87 -9.56
C GLY A 123 -24.21 -6.52 -8.94
N VAL A 124 -23.29 -5.71 -9.47
CA VAL A 124 -22.93 -4.44 -8.85
C VAL A 124 -23.14 -3.24 -9.77
N GLU A 125 -23.70 -3.43 -10.98
CA GLU A 125 -23.87 -2.31 -11.89
C GLU A 125 -24.75 -1.22 -11.28
N HIS A 126 -25.68 -1.61 -10.41
CA HIS A 126 -26.57 -0.63 -9.78
C HIS A 126 -25.82 0.39 -8.93
N LYS A 127 -24.59 0.08 -8.48
CA LYS A 127 -23.83 1.05 -7.68
C LYS A 127 -23.20 2.15 -8.51
N ILE A 128 -23.16 2.02 -9.84
CA ILE A 128 -22.34 2.82 -10.72
C ILE A 128 -23.19 3.80 -11.50
N ASN A 129 -22.84 5.07 -11.43
CA ASN A 129 -23.38 6.08 -12.33
C ASN A 129 -22.26 6.45 -13.30
N PHE A 130 -22.29 5.87 -14.50
CA PHE A 130 -21.26 6.10 -15.51
C PHE A 130 -21.61 7.34 -16.32
N ILE A 131 -20.69 8.30 -16.38
CA ILE A 131 -20.84 9.54 -17.12
C ILE A 131 -19.83 9.51 -18.25
N GLU A 132 -20.29 9.67 -19.50
CA GLU A 132 -19.36 9.68 -20.62
C GLU A 132 -19.00 11.14 -20.91
N SER A 133 -17.79 11.55 -20.54
CA SER A 133 -17.41 12.95 -20.69
C SER A 133 -15.94 13.10 -20.34
N GLU A 134 -15.34 14.19 -20.82
CA GLU A 134 -14.12 14.68 -20.20
C GLU A 134 -14.37 14.90 -18.72
N ALA A 135 -13.36 14.60 -17.90
CA ALA A 135 -13.55 14.60 -16.46
C ALA A 135 -13.66 16.01 -15.89
N LEU A 136 -12.84 16.94 -16.37
CA LEU A 136 -12.81 18.25 -15.72
C LEU A 136 -14.16 18.97 -15.77
N PRO A 137 -14.87 19.03 -16.91
CA PRO A 137 -16.20 19.66 -16.88
C PRO A 137 -17.15 19.02 -15.89
N VAL A 138 -17.11 17.69 -15.76
CA VAL A 138 -17.95 17.01 -14.77
C VAL A 138 -17.52 17.43 -13.37
N LEU A 139 -16.21 17.39 -13.09
CA LEU A 139 -15.74 17.76 -11.76
C LEU A 139 -16.09 19.20 -11.43
N ASP A 140 -15.98 20.09 -12.41
CA ASP A 140 -16.33 21.49 -12.16
C ASP A 140 -17.81 21.65 -11.89
N GLN A 141 -18.64 20.91 -12.61
CA GLN A 141 -20.07 20.97 -12.32
C GLN A 141 -20.38 20.40 -10.95
N MET A 142 -19.64 19.36 -10.53
CA MET A 142 -19.81 18.84 -9.18
C MET A 142 -19.44 19.88 -8.14
N LEU A 143 -18.38 20.66 -8.40
CA LEU A 143 -17.98 21.67 -7.42
C LEU A 143 -19.10 22.66 -7.14
N GLU A 144 -19.87 23.02 -8.17
CA GLU A 144 -20.91 24.01 -7.95
C GLU A 144 -22.19 23.40 -7.39
N GLU A 145 -22.33 22.08 -7.40
CA GLU A 145 -23.52 21.41 -6.87
C GLU A 145 -23.28 20.66 -5.57
N MET A 146 -22.03 20.37 -5.23
CA MET A 146 -21.71 19.47 -4.13
C MET A 146 -22.13 20.05 -2.79
N LYS A 147 -22.85 19.26 -1.99
CA LYS A 147 -23.17 19.58 -0.61
C LYS A 147 -22.18 18.89 0.32
N GLU A 148 -21.89 19.56 1.45
CA GLU A 148 -20.88 19.08 2.39
C GLU A 148 -21.14 17.63 2.79
N GLU A 149 -22.41 17.27 2.98
CA GLU A 149 -22.76 15.93 3.41
C GLU A 149 -22.66 14.88 2.31
N ASP A 150 -22.47 15.30 1.06
CA ASP A 150 -22.39 14.38 -0.05
C ASP A 150 -20.96 14.18 -0.56
N LEU A 151 -19.97 14.72 0.15
CA LEU A 151 -18.60 14.61 -0.31
C LEU A 151 -18.18 13.14 -0.41
N TYR A 152 -17.27 12.88 -1.34
CA TYR A 152 -16.81 11.51 -1.58
C TYR A 152 -15.84 11.05 -0.51
N ASP A 153 -15.88 9.75 -0.24
CA ASP A 153 -14.94 9.13 0.69
C ASP A 153 -13.61 8.87 0.01
N TYR A 154 -13.64 8.59 -1.28
CA TYR A 154 -12.51 8.02 -1.99
C TYR A 154 -12.61 8.43 -3.45
N ALA A 155 -11.47 8.77 -4.04
CA ALA A 155 -11.39 9.07 -5.46
C ALA A 155 -10.20 8.34 -6.04
N PHE A 156 -10.39 7.68 -7.20
CA PHE A 156 -9.31 6.99 -7.91
C PHE A 156 -9.10 7.72 -9.23
N VAL A 157 -7.89 8.22 -9.44
CA VAL A 157 -7.57 9.09 -10.56
C VAL A 157 -6.62 8.36 -11.49
N ASP A 158 -7.09 8.10 -12.71
CA ASP A 158 -6.36 7.26 -13.62
C ASP A 158 -6.70 7.63 -15.06
N ALA A 159 -6.88 8.91 -15.34
CA ALA A 159 -7.36 9.39 -16.64
C ALA A 159 -6.17 9.96 -17.43
N ASP A 160 -6.29 11.14 -18.02
CA ASP A 160 -5.22 11.73 -18.84
C ASP A 160 -4.04 12.11 -17.94
N LYS A 161 -2.90 11.47 -18.18
CA LYS A 161 -1.79 11.66 -17.24
C LYS A 161 -1.37 13.12 -17.15
N SER A 162 -1.27 13.80 -18.31
CA SER A 162 -0.81 15.18 -18.33
C SER A 162 -1.69 16.12 -17.53
N ASN A 163 -2.84 15.66 -17.04
CA ASN A 163 -3.82 16.55 -16.42
C ASN A 163 -4.04 16.28 -14.93
N TYR A 164 -3.24 15.43 -14.27
CA TYR A 164 -3.55 15.09 -12.88
C TYR A 164 -3.56 16.31 -11.97
N ALA A 165 -2.64 17.25 -12.18
CA ALA A 165 -2.60 18.42 -11.30
C ALA A 165 -3.91 19.20 -11.35
N ASN A 166 -4.53 19.29 -12.53
CA ASN A 166 -5.83 19.97 -12.62
C ASN A 166 -6.93 19.18 -11.92
N TYR A 167 -6.92 17.85 -12.05
CA TYR A 167 -7.88 17.03 -11.31
C TYR A 167 -7.74 17.26 -9.80
N HIS A 168 -6.50 17.28 -9.30
CA HIS A 168 -6.23 17.47 -7.87
C HIS A 168 -6.89 18.72 -7.32
N GLU A 169 -6.83 19.83 -8.06
CA GLU A 169 -7.39 21.07 -7.53
C GLU A 169 -8.89 20.95 -7.33
N ARG A 170 -9.56 20.12 -8.14
CA ARG A 170 -10.98 19.89 -7.93
C ARG A 170 -11.22 18.88 -6.81
N LEU A 171 -10.45 17.80 -6.80
CA LEU A 171 -10.75 16.69 -5.89
C LEU A 171 -10.45 17.01 -4.44
N VAL A 172 -9.50 17.91 -4.16
CA VAL A 172 -9.25 18.23 -2.76
C VAL A 172 -10.41 19.04 -2.19
N LYS A 173 -11.37 19.38 -3.06
CA LYS A 173 -12.61 20.00 -2.62
C LYS A 173 -13.82 19.07 -2.71
N LEU A 174 -13.72 17.95 -3.43
CA LEU A 174 -14.84 17.03 -3.62
C LEU A 174 -14.80 15.82 -2.70
N VAL A 175 -13.65 15.51 -2.12
N VAL A 175 -13.63 15.50 -2.13
CA VAL A 175 -13.51 14.43 -1.17
CA VAL A 175 -13.52 14.43 -1.15
C VAL A 175 -13.60 15.00 0.24
C VAL A 175 -13.66 15.04 0.23
N ARG A 176 -14.23 14.27 1.15
CA ARG A 176 -14.41 14.73 2.53
C ARG A 176 -13.07 14.94 3.22
N ILE A 177 -13.07 15.74 4.30
CA ILE A 177 -11.92 15.72 5.20
C ILE A 177 -11.71 14.31 5.70
N GLY A 178 -10.45 13.87 5.67
CA GLY A 178 -10.11 12.50 6.02
C GLY A 178 -10.31 11.52 4.88
N GLY A 179 -10.83 11.97 3.74
CA GLY A 179 -11.06 11.11 2.61
C GLY A 179 -9.79 10.95 1.79
N ALA A 180 -9.80 9.97 0.89
CA ALA A 180 -8.60 9.58 0.17
C ALA A 180 -8.72 9.91 -1.31
N ILE A 181 -7.63 10.39 -1.90
CA ILE A 181 -7.51 10.59 -3.34
C ILE A 181 -6.30 9.79 -3.77
N LEU A 182 -6.49 8.83 -4.67
CA LEU A 182 -5.41 7.98 -5.15
C LEU A 182 -5.08 8.34 -6.59
N TYR A 183 -3.80 8.63 -6.86
CA TYR A 183 -3.33 8.92 -8.20
C TYR A 183 -2.58 7.69 -8.70
N ASP A 184 -2.99 7.19 -9.85
CA ASP A 184 -2.40 6.00 -10.45
C ASP A 184 -1.24 6.36 -11.37
N ASN A 185 -0.27 5.45 -11.44
CA ASN A 185 0.86 5.52 -12.39
C ASN A 185 1.89 6.59 -12.02
N THR A 186 2.01 6.97 -10.74
CA THR A 186 2.85 8.11 -10.41
C THR A 186 4.35 7.80 -10.51
N LEU A 187 4.74 6.55 -10.74
CA LEU A 187 6.15 6.25 -10.99
C LEU A 187 6.46 6.10 -12.47
N TRP A 188 5.44 6.13 -13.33
CA TRP A 188 5.57 6.09 -14.80
C TRP A 188 6.67 5.14 -15.24
N TYR A 189 6.51 3.88 -14.82
CA TYR A 189 7.42 2.78 -15.20
C TYR A 189 8.83 2.98 -14.69
N GLY A 190 9.01 3.84 -13.67
CA GLY A 190 10.33 4.16 -13.16
C GLY A 190 11.03 5.33 -13.85
N SER A 191 10.49 5.80 -14.98
CA SER A 191 11.15 6.84 -15.75
C SER A 191 11.12 8.19 -15.05
N VAL A 192 10.28 8.37 -14.04
CA VAL A 192 10.31 9.61 -13.28
C VAL A 192 11.56 9.77 -12.44
N ALA A 193 12.34 8.71 -12.27
CA ALA A 193 13.47 8.78 -11.35
C ALA A 193 14.65 9.60 -11.91
N TYR A 194 14.58 10.10 -13.13
CA TYR A 194 15.73 10.80 -13.70
C TYR A 194 15.24 12.08 -14.35
N PRO A 195 16.08 13.12 -14.38
CA PRO A 195 15.70 14.35 -15.07
C PRO A 195 15.39 14.15 -16.55
N GLU A 196 16.17 13.35 -17.25
CA GLU A 196 15.92 13.05 -18.65
C GLU A 196 15.89 11.54 -18.83
N TYR A 197 15.18 11.11 -19.86
CA TYR A 197 14.93 9.69 -20.07
C TYR A 197 14.76 9.48 -21.56
N PRO A 198 15.78 8.96 -22.24
CA PRO A 198 15.71 8.84 -23.70
C PRO A 198 14.75 7.76 -24.15
N GLY A 199 14.31 7.88 -25.40
CA GLY A 199 13.62 6.82 -26.09
C GLY A 199 12.11 6.82 -25.97
N LEU A 200 11.51 7.89 -25.48
CA LEU A 200 10.07 7.90 -25.22
C LEU A 200 9.29 8.52 -26.36
N HIS A 201 8.06 8.04 -26.55
CA HIS A 201 7.10 8.73 -27.37
C HIS A 201 6.82 10.12 -26.79
N PRO A 202 6.57 11.13 -27.65
CA PRO A 202 6.31 12.49 -27.13
C PRO A 202 5.26 12.56 -26.03
N GLU A 203 4.17 11.81 -26.14
CA GLU A 203 3.13 11.79 -25.11
C GLU A 203 3.62 11.11 -23.83
N GLU A 204 4.47 10.10 -23.96
CA GLU A 204 5.06 9.44 -22.79
C GLU A 204 5.95 10.41 -22.03
N GLU A 205 6.69 11.25 -22.76
CA GLU A 205 7.56 12.22 -22.12
C GLU A 205 6.76 13.32 -21.42
N VAL A 206 5.65 13.76 -22.04
CA VAL A 206 4.75 14.72 -21.41
C VAL A 206 4.22 14.15 -20.10
N ALA A 207 3.78 12.90 -20.12
CA ALA A 207 3.28 12.27 -18.89
C ALA A 207 4.39 12.15 -17.85
N ARG A 208 5.59 11.73 -18.28
CA ARG A 208 6.71 11.61 -17.36
C ARG A 208 7.01 12.94 -16.68
N LEU A 209 7.01 14.03 -17.44
CA LEU A 209 7.28 15.33 -16.82
C LEU A 209 6.12 15.75 -15.92
N SER A 210 4.88 15.45 -16.32
N SER A 210 4.89 15.49 -16.35
CA SER A 210 3.76 15.83 -15.48
CA SER A 210 3.73 15.81 -15.51
C SER A 210 3.75 15.09 -14.15
C SER A 210 3.84 15.11 -14.15
N PHE A 211 4.26 13.85 -14.13
CA PHE A 211 4.35 13.11 -12.88
C PHE A 211 5.51 13.59 -12.00
N ARG A 212 6.65 13.95 -12.61
CA ARG A 212 7.72 14.52 -11.78
C ARG A 212 7.24 15.81 -11.12
N ASN A 213 6.54 16.66 -11.85
CA ASN A 213 6.02 17.89 -11.24
C ASN A 213 4.95 17.57 -10.20
N LEU A 214 4.05 16.64 -10.52
CA LEU A 214 2.98 16.28 -9.58
C LEU A 214 3.57 15.72 -8.29
N ASN A 215 4.56 14.82 -8.41
CA ASN A 215 5.08 14.16 -7.23
C ASN A 215 5.72 15.18 -6.29
N THR A 216 6.44 16.14 -6.86
CA THR A 216 7.01 17.23 -6.08
C THR A 216 5.91 18.08 -5.46
N PHE A 217 4.92 18.41 -6.26
CA PHE A 217 3.83 19.25 -5.77
C PHE A 217 3.08 18.57 -4.63
N LEU A 218 2.73 17.28 -4.78
CA LEU A 218 1.95 16.62 -3.73
C LEU A 218 2.74 16.53 -2.44
N ALA A 219 4.04 16.29 -2.53
CA ALA A 219 4.84 16.19 -1.32
C ALA A 219 4.92 17.51 -0.57
N ALA A 220 4.72 18.64 -1.25
CA ALA A 220 4.72 19.95 -0.60
C ALA A 220 3.33 20.47 -0.27
N ASP A 221 2.26 19.78 -0.68
CA ASP A 221 0.90 20.31 -0.54
C ASP A 221 0.36 20.15 0.88
N PRO A 222 0.19 21.24 1.63
CA PRO A 222 -0.25 21.12 3.03
C PRO A 222 -1.70 20.68 3.19
N ARG A 223 -2.50 20.71 2.13
CA ARG A 223 -3.88 20.29 2.20
C ARG A 223 -4.03 18.79 2.37
N VAL A 224 -2.96 18.02 2.15
CA VAL A 224 -3.04 16.56 2.20
C VAL A 224 -1.84 15.98 2.92
N GLU A 225 -2.02 14.77 3.44
N GLU A 225 -2.04 14.78 3.47
CA GLU A 225 -0.88 13.91 3.75
CA GLU A 225 -0.95 13.87 3.76
C GLU A 225 -0.84 12.80 2.71
C GLU A 225 -0.82 12.91 2.57
N ILE A 226 0.37 12.36 2.36
CA ILE A 226 0.56 11.49 1.20
C ILE A 226 1.35 10.25 1.58
N SER A 227 1.19 9.22 0.75
CA SER A 227 2.07 8.07 0.76
C SER A 227 2.19 7.58 -0.67
N GLN A 228 3.42 7.58 -1.20
CA GLN A 228 3.68 7.03 -2.54
C GLN A 228 4.10 5.58 -2.38
N VAL A 229 3.36 4.68 -3.03
CA VAL A 229 3.45 3.25 -2.84
C VAL A 229 3.93 2.61 -4.16
N SER A 230 5.03 1.86 -4.09
CA SER A 230 5.60 1.21 -5.28
C SER A 230 4.85 -0.07 -5.67
N ILE A 231 3.54 0.05 -5.86
CA ILE A 231 2.71 -1.07 -6.31
C ILE A 231 2.22 -0.71 -7.70
N GLY A 232 2.12 -1.72 -8.56
CA GLY A 232 1.67 -1.48 -9.93
C GLY A 232 2.68 -0.64 -10.67
N ASP A 233 2.26 0.56 -11.07
CA ASP A 233 3.12 1.57 -11.67
C ASP A 233 3.31 2.77 -10.73
N GLY A 234 3.12 2.56 -9.44
CA GLY A 234 3.17 3.64 -8.49
C GLY A 234 1.77 4.15 -8.24
N VAL A 235 1.36 4.19 -6.97
CA VAL A 235 0.10 4.81 -6.58
C VAL A 235 0.41 5.78 -5.46
N THR A 236 -0.07 7.01 -5.57
CA THR A 236 0.12 7.97 -4.49
C THR A 236 -1.23 8.17 -3.81
N ILE A 237 -1.28 7.81 -2.53
CA ILE A 237 -2.46 8.00 -1.71
C ILE A 237 -2.35 9.36 -1.07
N CYS A 238 -3.39 10.18 -1.24
CA CYS A 238 -3.54 11.46 -0.56
C CYS A 238 -4.70 11.39 0.44
N ARG A 239 -4.51 12.00 1.61
CA ARG A 239 -5.59 12.07 2.60
C ARG A 239 -5.87 13.54 2.88
N ARG A 240 -7.13 13.97 2.68
CA ARG A 240 -7.46 15.38 2.83
C ARG A 240 -7.42 15.80 4.28
N LEU A 241 -6.69 16.89 4.56
CA LEU A 241 -6.56 17.39 5.93
C LEU A 241 -7.53 18.53 6.26
N TYR A 242 -7.78 19.41 5.30
CA TYR A 242 -8.73 20.50 5.50
C TYR A 242 -9.22 20.97 4.14
N GLY B 1 29.84 -20.30 16.99
CA GLY B 1 29.91 -20.48 18.43
C GLY B 1 30.42 -19.23 19.14
N PRO B 2 31.25 -19.42 20.17
CA PRO B 2 31.89 -18.27 20.80
C PRO B 2 32.75 -17.52 19.79
N GLY B 3 32.78 -16.20 19.92
CA GLY B 3 33.48 -15.33 18.97
C GLY B 3 32.91 -13.91 19.04
N MET B 4 32.71 -13.33 17.88
CA MET B 4 31.98 -12.06 17.82
C MET B 4 30.62 -12.14 17.11
N SER B 7 27.43 -11.58 12.78
CA SER B 7 27.88 -10.52 11.87
C SER B 7 27.11 -10.59 10.56
N ILE B 8 26.77 -9.42 10.02
CA ILE B 8 25.65 -9.36 9.08
C ILE B 8 26.03 -9.40 7.61
N ASP B 9 27.28 -9.71 7.27
CA ASP B 9 27.49 -10.26 5.93
C ASP B 9 28.12 -11.64 6.01
N ASP B 10 27.78 -12.37 7.07
CA ASP B 10 27.39 -13.74 6.82
C ASP B 10 25.96 -13.85 6.29
N TYR B 11 25.24 -12.73 6.22
CA TYR B 11 23.90 -12.73 5.63
C TYR B 11 23.95 -12.27 4.19
N SER B 12 23.13 -12.91 3.36
CA SER B 12 23.24 -12.81 1.91
C SER B 12 22.28 -11.83 1.26
N LEU B 13 21.21 -11.45 1.93
CA LEU B 13 20.16 -10.65 1.31
C LEU B 13 20.24 -9.17 1.66
N VAL B 14 21.17 -8.81 2.55
CA VAL B 14 21.29 -7.48 3.14
C VAL B 14 21.20 -6.37 2.10
N HIS B 15 21.83 -6.59 0.95
CA HIS B 15 22.02 -5.49 0.00
C HIS B 15 21.06 -5.57 -1.17
N LYS B 16 20.06 -6.43 -1.11
CA LYS B 16 19.14 -6.56 -2.23
C LYS B 16 17.94 -5.64 -2.02
N ASN B 17 17.23 -5.40 -3.10
CA ASN B 17 15.98 -4.65 -3.02
C ASN B 17 15.00 -5.21 -4.03
N ILE B 18 13.70 -5.06 -3.74
CA ILE B 18 12.72 -5.62 -4.65
C ILE B 18 12.44 -4.71 -5.85
N LEU B 19 12.82 -3.44 -5.79
CA LEU B 19 12.58 -2.57 -6.93
C LEU B 19 13.67 -2.74 -7.98
N HIS B 20 13.38 -2.25 -9.18
CA HIS B 20 14.22 -2.52 -10.34
C HIS B 20 15.55 -1.78 -10.24
N SER B 21 15.58 -0.63 -9.59
CA SER B 21 16.85 0.07 -9.44
C SER B 21 16.90 0.82 -8.12
N GLU B 22 18.13 0.98 -7.61
CA GLU B 22 18.33 1.82 -6.45
C GLU B 22 17.98 3.27 -6.75
N ASP B 23 18.11 3.70 -8.00
CA ASP B 23 17.74 5.08 -8.35
C ASP B 23 16.25 5.32 -8.18
N LEU B 24 15.41 4.33 -8.53
CA LEU B 24 13.97 4.48 -8.32
C LEU B 24 13.63 4.57 -6.84
N LEU B 25 14.25 3.70 -6.02
CA LEU B 25 13.99 3.75 -4.59
C LEU B 25 14.43 5.07 -3.98
N LYS B 26 15.60 5.57 -4.39
CA LYS B 26 16.05 6.86 -3.87
C LYS B 26 15.12 7.99 -4.29
N TYR B 27 14.60 7.92 -5.52
CA TYR B 27 13.65 8.91 -5.98
C TYR B 27 12.42 8.95 -5.09
N ILE B 28 11.86 7.77 -4.81
CA ILE B 28 10.68 7.72 -3.94
C ILE B 28 11.01 8.33 -2.58
N LEU B 29 12.14 7.92 -2.00
CA LEU B 29 12.49 8.37 -0.65
C LEU B 29 12.70 9.87 -0.64
N GLU B 30 13.46 10.40 -1.59
CA GLU B 30 13.80 11.82 -1.57
C GLU B 30 12.62 12.69 -1.96
N THR B 31 11.80 12.22 -2.90
CA THR B 31 10.71 13.04 -3.40
C THR B 31 9.52 13.00 -2.46
N SER B 32 9.18 11.82 -1.94
CA SER B 32 7.88 11.61 -1.33
C SER B 32 7.93 11.23 0.14
N ALA B 33 9.01 10.62 0.62
CA ALA B 33 9.05 10.16 1.99
C ALA B 33 9.78 11.12 2.92
N TYR B 34 11.05 11.39 2.65
CA TYR B 34 11.82 12.25 3.54
C TYR B 34 11.19 13.62 3.76
N PRO B 35 10.57 14.29 2.76
CA PRO B 35 9.90 15.57 3.05
C PRO B 35 8.70 15.46 3.98
N ARG B 36 8.14 14.26 4.15
CA ARG B 36 6.97 14.04 5.00
C ARG B 36 7.30 13.30 6.30
N GLU B 37 8.58 13.05 6.55
CA GLU B 37 9.01 12.29 7.72
C GLU B 37 9.21 13.23 8.90
N HIS B 38 8.56 12.92 10.01
CA HIS B 38 8.73 13.68 11.26
C HIS B 38 10.21 13.79 11.61
N GLU B 39 10.59 14.94 12.16
N GLU B 39 10.60 14.94 12.17
CA GLU B 39 11.99 15.17 12.52
CA GLU B 39 12.01 15.15 12.51
C GLU B 39 12.52 14.07 13.43
C GLU B 39 12.54 14.08 13.45
N GLN B 40 11.68 13.54 14.33
CA GLN B 40 12.16 12.52 15.25
C GLN B 40 12.27 11.15 14.58
N LEU B 41 11.48 10.90 13.53
CA LEU B 41 11.71 9.69 12.73
C LEU B 41 13.00 9.82 11.94
N LYS B 42 13.25 11.00 11.38
CA LYS B 42 14.53 11.25 10.71
C LYS B 42 15.70 10.96 11.66
N GLY B 43 15.63 11.50 12.88
CA GLY B 43 16.71 11.25 13.84
C GLY B 43 16.87 9.78 14.18
N LEU B 44 15.76 9.09 14.46
CA LEU B 44 15.84 7.67 14.79
C LEU B 44 16.44 6.88 13.64
N ARG B 45 15.99 7.16 12.42
CA ARG B 45 16.50 6.44 11.25
C ARG B 45 17.98 6.68 11.07
N GLU B 46 18.42 7.92 11.23
CA GLU B 46 19.83 8.19 10.96
C GLU B 46 20.74 7.53 11.99
N VAL B 47 20.32 7.40 13.25
N VAL B 47 20.32 7.45 13.25
CA VAL B 47 21.19 6.69 14.19
CA VAL B 47 21.13 6.70 14.21
C VAL B 47 21.07 5.19 14.01
C VAL B 47 21.11 5.22 13.87
N THR B 48 19.94 4.70 13.50
CA THR B 48 19.83 3.27 13.22
C THR B 48 20.67 2.86 12.02
N GLU B 49 20.77 3.73 11.03
CA GLU B 49 21.54 3.42 9.83
C GLU B 49 22.97 3.04 10.13
N LYS B 50 23.51 3.49 11.27
CA LYS B 50 24.86 3.15 11.70
C LYS B 50 24.91 1.87 12.52
N HIS B 51 23.77 1.31 12.90
CA HIS B 51 23.74 0.13 13.73
C HIS B 51 24.03 -1.13 12.91
N GLU B 52 24.51 -2.15 13.61
CA GLU B 52 24.90 -3.42 12.98
C GLU B 52 23.77 -4.02 12.16
N TRP B 53 22.54 -3.92 12.66
CA TRP B 53 21.40 -4.56 12.02
C TRP B 53 20.52 -3.55 11.27
N SER B 54 21.12 -2.50 10.71
CA SER B 54 20.34 -1.49 9.99
C SER B 54 19.53 -2.09 8.84
N SER B 55 19.97 -3.22 8.28
CA SER B 55 19.23 -3.85 7.19
C SER B 55 17.81 -4.21 7.59
N ALA B 56 17.53 -4.35 8.89
CA ALA B 56 16.22 -4.77 9.38
C ALA B 56 15.25 -3.60 9.56
N LEU B 57 15.75 -2.37 9.40
CA LEU B 57 14.95 -1.18 9.65
C LEU B 57 13.83 -1.04 8.63
N VAL B 58 12.62 -0.74 9.10
CA VAL B 58 11.53 -0.41 8.18
C VAL B 58 11.88 0.89 7.44
N PRO B 59 11.79 0.92 6.11
CA PRO B 59 12.19 2.12 5.37
C PRO B 59 11.13 3.22 5.41
N ALA B 60 11.56 4.42 5.02
CA ALA B 60 10.70 5.59 5.24
C ALA B 60 9.48 5.59 4.32
N ASP B 61 9.59 5.07 3.09
CA ASP B 61 8.38 5.06 2.25
C ASP B 61 7.37 4.06 2.79
N GLU B 62 7.84 2.91 3.29
CA GLU B 62 6.93 1.99 3.96
C GLU B 62 6.32 2.62 5.21
N GLY B 63 7.12 3.34 5.99
CA GLY B 63 6.59 3.98 7.19
C GLY B 63 5.44 4.92 6.88
N LEU B 64 5.59 5.76 5.86
N LEU B 64 5.60 5.77 5.87
CA LEU B 64 4.52 6.67 5.52
CA LEU B 64 4.51 6.69 5.51
C LEU B 64 3.27 5.92 5.05
C LEU B 64 3.27 5.92 5.05
N PHE B 65 3.46 4.76 4.43
CA PHE B 65 2.31 3.93 4.06
C PHE B 65 1.60 3.34 5.29
N LEU B 66 2.36 2.87 6.28
CA LEU B 66 1.77 2.42 7.55
C LEU B 66 1.01 3.55 8.23
N SER B 67 1.61 4.74 8.30
CA SER B 67 0.92 5.90 8.85
C SER B 67 -0.40 6.16 8.12
N MET B 68 -0.36 6.14 6.79
CA MET B 68 -1.56 6.39 6.00
C MET B 68 -2.66 5.38 6.32
N LEU B 69 -2.32 4.09 6.35
CA LEU B 69 -3.33 3.07 6.63
C LEU B 69 -3.94 3.25 8.01
N LEU B 70 -3.10 3.52 9.01
CA LEU B 70 -3.60 3.74 10.37
C LEU B 70 -4.60 4.89 10.44
N LYS B 71 -4.33 5.97 9.71
CA LYS B 71 -5.22 7.12 9.77
C LYS B 71 -6.50 6.86 8.98
N LEU B 72 -6.37 6.25 7.81
CA LEU B 72 -7.55 5.97 6.99
C LEU B 72 -8.53 5.05 7.71
N MET B 73 -8.02 4.08 8.48
CA MET B 73 -8.92 3.16 9.17
C MET B 73 -9.29 3.64 10.58
N ASN B 74 -8.82 4.81 10.98
CA ASN B 74 -9.11 5.41 12.28
C ASN B 74 -8.69 4.48 13.42
N ALA B 75 -7.52 3.86 13.29
CA ALA B 75 -7.03 2.97 14.33
C ALA B 75 -6.81 3.73 15.65
N LYS B 76 -7.05 3.04 16.76
N LYS B 76 -7.07 3.05 16.77
CA LYS B 76 -6.85 3.64 18.07
CA LYS B 76 -6.88 3.63 18.09
C LYS B 76 -6.04 2.74 18.99
C LYS B 76 -6.10 2.73 19.03
N ARG B 77 -6.22 1.42 18.87
CA ARG B 77 -5.53 0.45 19.72
C ARG B 77 -4.76 -0.51 18.84
N THR B 78 -3.45 -0.58 19.03
CA THR B 78 -2.62 -1.37 18.11
C THR B 78 -1.59 -2.19 18.86
N ILE B 79 -1.02 -3.15 18.13
CA ILE B 79 0.01 -4.02 18.67
C ILE B 79 1.15 -4.04 17.66
N GLU B 80 2.37 -3.91 18.16
CA GLU B 80 3.58 -3.82 17.34
C GLU B 80 4.49 -4.94 17.79
N ILE B 81 4.79 -5.88 16.91
CA ILE B 81 5.54 -7.07 17.26
C ILE B 81 6.84 -7.05 16.49
N GLY B 82 7.96 -6.84 17.19
CA GLY B 82 9.22 -6.65 16.49
C GLY B 82 9.48 -5.17 16.35
N VAL B 83 10.11 -4.59 17.37
CA VAL B 83 10.24 -3.14 17.49
C VAL B 83 11.57 -2.64 16.95
N TYR B 84 12.65 -3.38 17.22
CA TYR B 84 14.02 -3.00 16.89
C TYR B 84 14.26 -1.62 17.51
N THR B 85 14.77 -0.64 16.76
CA THR B 85 15.02 0.68 17.35
C THR B 85 13.79 1.56 17.39
N GLY B 86 12.66 1.10 16.87
CA GLY B 86 11.39 1.76 17.08
C GLY B 86 10.88 2.62 15.94
N TYR B 87 11.36 2.42 14.71
CA TYR B 87 10.93 3.29 13.62
C TYR B 87 9.45 3.07 13.29
N SER B 88 9.02 1.81 13.10
CA SER B 88 7.61 1.57 12.84
C SER B 88 6.76 1.90 14.06
N LEU B 89 7.31 1.70 15.26
CA LEU B 89 6.57 2.03 16.48
C LEU B 89 6.33 3.54 16.62
N LEU B 90 7.36 4.35 16.41
CA LEU B 90 7.19 5.80 16.45
C LEU B 90 6.26 6.26 15.34
N THR B 91 6.40 5.66 14.15
CA THR B 91 5.47 5.93 13.06
C THR B 91 4.04 5.73 13.52
N THR B 92 3.77 4.59 14.15
CA THR B 92 2.43 4.28 14.63
C THR B 92 2.00 5.30 15.68
N ALA B 93 2.87 5.58 16.65
CA ALA B 93 2.51 6.46 17.76
C ALA B 93 2.18 7.87 17.28
N LEU B 94 2.91 8.34 16.25
CA LEU B 94 2.66 9.67 15.70
C LEU B 94 1.36 9.69 14.92
N ALA B 95 0.99 8.56 14.29
CA ALA B 95 -0.21 8.54 13.47
C ALA B 95 -1.49 8.43 14.29
N LEU B 96 -1.44 7.75 15.44
CA LEU B 96 -2.61 7.51 16.26
C LEU B 96 -3.08 8.82 16.89
N PRO B 97 -4.36 8.89 17.26
CA PRO B 97 -4.84 10.07 18.00
C PRO B 97 -4.18 10.14 19.37
N GLU B 98 -4.39 11.27 20.06
CA GLU B 98 -3.73 11.48 21.36
C GLU B 98 -4.01 10.36 22.34
N ASP B 99 -5.21 9.78 22.31
CA ASP B 99 -5.57 8.71 23.24
C ASP B 99 -5.30 7.32 22.69
N GLY B 100 -4.53 7.21 21.60
CA GLY B 100 -4.18 5.92 21.07
C GLY B 100 -3.28 5.14 22.02
N LYS B 101 -3.37 3.83 21.93
CA LYS B 101 -2.64 2.92 22.82
C LYS B 101 -1.96 1.86 21.98
N ILE B 102 -0.67 1.64 22.22
CA ILE B 102 0.11 0.63 21.50
C ILE B 102 0.70 -0.36 22.50
N THR B 103 0.55 -1.64 22.22
CA THR B 103 1.27 -2.70 22.92
C THR B 103 2.45 -3.07 22.04
N ALA B 104 3.68 -2.84 22.51
CA ALA B 104 4.89 -3.07 21.72
C ALA B 104 5.69 -4.19 22.33
N ILE B 105 6.10 -5.16 21.50
CA ILE B 105 6.75 -6.37 22.01
C ILE B 105 8.05 -6.61 21.25
N ASP B 106 9.13 -6.84 21.98
CA ASP B 106 10.41 -7.18 21.36
C ASP B 106 11.23 -7.96 22.37
N VAL B 107 12.02 -8.93 21.87
N VAL B 107 12.02 -8.93 21.90
CA VAL B 107 12.87 -9.71 22.77
CA VAL B 107 12.83 -9.67 22.86
C VAL B 107 14.04 -8.90 23.31
C VAL B 107 13.96 -8.80 23.41
N ASN B 108 14.41 -7.80 22.65
CA ASN B 108 15.63 -7.05 22.97
C ASN B 108 15.35 -5.59 23.23
N LYS B 109 15.24 -5.23 24.51
CA LYS B 109 14.93 -3.87 24.85
C LYS B 109 16.08 -2.92 24.58
N SER B 110 17.31 -3.44 24.48
N SER B 110 17.31 -3.44 24.48
CA SER B 110 18.44 -2.54 24.24
CA SER B 110 18.44 -2.56 24.23
C SER B 110 18.34 -1.87 22.88
C SER B 110 18.31 -1.86 22.88
N TYR B 111 17.74 -2.54 21.88
CA TYR B 111 17.46 -1.89 20.62
C TYR B 111 16.49 -0.73 20.82
N TYR B 112 15.44 -0.98 21.61
CA TYR B 112 14.41 0.04 21.79
C TYR B 112 14.99 1.29 22.44
N GLU B 113 15.91 1.11 23.38
CA GLU B 113 16.52 2.26 24.05
C GLU B 113 17.33 3.15 23.10
N ILE B 114 17.74 2.62 21.93
CA ILE B 114 18.32 3.48 20.90
C ILE B 114 17.30 4.50 20.40
N GLY B 115 16.06 4.05 20.19
CA GLY B 115 15.07 4.95 19.61
C GLY B 115 14.25 5.71 20.66
N LEU B 116 14.25 5.21 21.89
CA LEU B 116 13.39 5.79 22.93
C LEU B 116 13.59 7.29 23.12
N PRO B 117 14.80 7.85 23.08
CA PRO B 117 14.91 9.32 23.20
C PRO B 117 14.13 10.06 22.13
N PHE B 118 14.06 9.52 20.91
CA PHE B 118 13.33 10.18 19.83
C PHE B 118 11.83 10.07 20.06
N ILE B 119 11.39 8.93 20.57
CA ILE B 119 9.99 8.74 20.95
C ILE B 119 9.62 9.72 22.06
N GLN B 120 10.51 9.88 23.04
CA GLN B 120 10.21 10.82 24.13
C GLN B 120 10.13 12.24 23.62
N LYS B 121 11.10 12.66 22.80
CA LYS B 121 11.09 14.02 22.27
C LYS B 121 9.86 14.28 21.42
N ALA B 122 9.40 13.26 20.71
CA ALA B 122 8.19 13.42 19.91
C ALA B 122 6.95 13.55 20.77
N GLY B 123 7.07 13.26 22.07
CA GLY B 123 5.94 13.43 22.96
C GLY B 123 4.93 12.31 22.93
N VAL B 124 5.30 11.10 22.49
CA VAL B 124 4.31 10.05 22.30
C VAL B 124 4.62 8.81 23.11
N GLU B 125 5.60 8.85 24.03
CA GLU B 125 5.90 7.68 24.84
C GLU B 125 4.68 7.21 25.64
N HIS B 126 3.82 8.14 26.06
CA HIS B 126 2.66 7.78 26.87
C HIS B 126 1.70 6.82 26.14
N LYS B 127 1.80 6.72 24.82
CA LYS B 127 0.94 5.81 24.08
C LYS B 127 1.43 4.36 24.09
N ILE B 128 2.65 4.13 24.55
CA ILE B 128 3.37 2.87 24.32
C ILE B 128 3.52 2.08 25.60
N ASN B 129 3.05 0.83 25.59
CA ASN B 129 3.36 -0.16 26.61
C ASN B 129 4.36 -1.13 26.00
N PHE B 130 5.63 -0.99 26.36
CA PHE B 130 6.68 -1.86 25.84
C PHE B 130 6.85 -3.08 26.73
N ILE B 131 6.82 -4.26 26.12
CA ILE B 131 7.00 -5.53 26.81
C ILE B 131 8.22 -6.23 26.23
N GLU B 132 9.23 -6.48 27.06
CA GLU B 132 10.44 -7.17 26.61
C GLU B 132 10.22 -8.67 26.79
N SER B 133 10.03 -9.38 25.68
CA SER B 133 9.67 -10.78 25.76
C SER B 133 9.67 -11.34 24.35
N GLU B 134 9.82 -12.66 24.25
CA GLU B 134 9.38 -13.32 23.02
C GLU B 134 7.90 -13.04 22.80
N ALA B 135 7.50 -12.89 21.53
CA ALA B 135 6.16 -12.40 21.25
C ALA B 135 5.09 -13.45 21.54
N LEU B 136 5.35 -14.72 21.23
N LEU B 136 5.36 -14.71 21.22
CA LEU B 136 4.29 -15.71 21.32
CA LEU B 136 4.31 -15.73 21.32
C LEU B 136 3.75 -15.90 22.74
C LEU B 136 3.76 -15.88 22.73
N PRO B 137 4.57 -15.95 23.80
CA PRO B 137 3.98 -16.06 25.15
C PRO B 137 3.09 -14.88 25.51
N VAL B 138 3.46 -13.67 25.09
CA VAL B 138 2.62 -12.50 25.35
C VAL B 138 1.28 -12.64 24.64
N LEU B 139 1.31 -13.00 23.35
CA LEU B 139 0.07 -13.16 22.60
C LEU B 139 -0.82 -14.24 23.21
N ASP B 140 -0.23 -15.35 23.65
CA ASP B 140 -1.03 -16.40 24.24
C ASP B 140 -1.69 -15.95 25.55
N GLN B 141 -0.96 -15.13 26.32
CA GLN B 141 -1.55 -14.61 27.56
C GLN B 141 -2.67 -13.62 27.27
N MET B 142 -2.49 -12.79 26.24
CA MET B 142 -3.57 -11.88 25.84
C MET B 142 -4.83 -12.65 25.48
N LEU B 143 -4.69 -13.81 24.85
CA LEU B 143 -5.86 -14.60 24.47
C LEU B 143 -6.63 -15.09 25.69
N GLU B 144 -5.96 -15.31 26.81
CA GLU B 144 -6.68 -15.69 28.02
C GLU B 144 -7.26 -14.47 28.73
N GLU B 145 -6.66 -13.30 28.52
CA GLU B 145 -6.96 -12.05 29.23
C GLU B 145 -8.04 -11.21 28.56
N MET B 146 -8.01 -11.10 27.23
CA MET B 146 -8.70 -10.01 26.56
C MET B 146 -10.18 -10.29 26.36
N LYS B 147 -10.97 -9.21 26.41
CA LYS B 147 -12.39 -9.25 26.10
C LYS B 147 -12.63 -8.68 24.71
N GLU B 148 -13.83 -8.92 24.17
CA GLU B 148 -14.15 -8.38 22.85
C GLU B 148 -14.07 -6.86 22.82
N GLU B 149 -14.25 -6.21 23.97
CA GLU B 149 -14.12 -4.75 24.06
C GLU B 149 -12.68 -4.30 23.88
N ASP B 150 -11.70 -5.19 24.03
CA ASP B 150 -10.30 -4.80 24.02
C ASP B 150 -9.55 -5.24 22.76
N LEU B 151 -10.26 -5.76 21.75
CA LEU B 151 -9.57 -6.24 20.56
C LEU B 151 -8.85 -5.10 19.84
N TYR B 152 -7.75 -5.45 19.18
CA TYR B 152 -6.90 -4.46 18.55
C TYR B 152 -7.45 -4.07 17.19
N ASP B 153 -7.22 -2.81 16.80
CA ASP B 153 -7.61 -2.37 15.47
C ASP B 153 -6.61 -2.81 14.42
N TYR B 154 -5.35 -2.94 14.82
CA TYR B 154 -4.23 -3.04 13.87
C TYR B 154 -3.08 -3.74 14.55
N ALA B 155 -2.46 -4.67 13.83
CA ALA B 155 -1.23 -5.31 14.28
C ALA B 155 -0.18 -5.19 13.20
N PHE B 156 1.05 -4.84 13.58
CA PHE B 156 2.19 -4.86 12.66
C PHE B 156 3.14 -5.95 13.10
N VAL B 157 3.43 -6.90 12.20
CA VAL B 157 4.17 -8.11 12.56
C VAL B 157 5.50 -8.09 11.85
N ASP B 158 6.59 -8.03 12.61
CA ASP B 158 7.91 -7.81 12.08
C ASP B 158 8.96 -8.39 13.01
N ALA B 159 8.67 -9.51 13.67
CA ALA B 159 9.56 -10.11 14.65
C ALA B 159 10.24 -11.34 14.01
N ASP B 160 10.25 -12.50 14.65
CA ASP B 160 10.99 -13.67 14.19
C ASP B 160 10.43 -14.12 12.86
N LYS B 161 11.24 -13.98 11.80
CA LYS B 161 10.82 -14.21 10.43
C LYS B 161 10.60 -15.68 10.10
N SER B 162 10.86 -16.59 11.04
CA SER B 162 10.52 -18.00 10.88
C SER B 162 9.19 -18.37 11.51
N ASN B 163 8.56 -17.47 12.26
CA ASN B 163 7.45 -17.78 13.16
C ASN B 163 6.15 -17.05 12.81
N TYR B 164 6.04 -16.40 11.65
CA TYR B 164 4.83 -15.60 11.38
C TYR B 164 3.56 -16.45 11.38
N ALA B 165 3.62 -17.69 10.89
CA ALA B 165 2.41 -18.50 10.87
C ALA B 165 1.85 -18.71 12.28
N ASN B 166 2.74 -18.87 13.26
CA ASN B 166 2.26 -18.99 14.64
C ASN B 166 1.73 -17.67 15.16
N TYR B 167 2.37 -16.54 14.80
CA TYR B 167 1.80 -15.25 15.17
C TYR B 167 0.39 -15.09 14.61
N HIS B 168 0.19 -15.50 13.36
CA HIS B 168 -1.08 -15.31 12.67
C HIS B 168 -2.22 -16.03 13.37
N GLU B 169 -1.97 -17.26 13.85
CA GLU B 169 -3.03 -18.00 14.53
C GLU B 169 -3.52 -17.28 15.78
N ARG B 170 -2.65 -16.49 16.44
CA ARG B 170 -3.10 -15.71 17.58
C ARG B 170 -3.74 -14.39 17.15
N LEU B 171 -3.12 -13.71 16.18
CA LEU B 171 -3.57 -12.36 15.83
C LEU B 171 -4.94 -12.36 15.17
N VAL B 172 -5.32 -13.42 14.46
CA VAL B 172 -6.66 -13.44 13.87
C VAL B 172 -7.75 -13.52 14.93
N LYS B 173 -7.35 -13.77 16.18
CA LYS B 173 -8.25 -13.74 17.32
C LYS B 173 -8.09 -12.49 18.18
N LEU B 174 -6.96 -11.77 18.07
CA LEU B 174 -6.70 -10.60 18.89
C LEU B 174 -7.05 -9.28 18.20
N VAL B 175 -7.17 -9.27 16.89
CA VAL B 175 -7.57 -8.08 16.14
C VAL B 175 -9.07 -8.18 15.88
N ARG B 176 -9.76 -7.04 15.95
CA ARG B 176 -11.21 -7.03 15.75
C ARG B 176 -11.58 -7.50 14.34
N ILE B 177 -12.85 -7.88 14.20
CA ILE B 177 -13.41 -8.03 12.87
C ILE B 177 -13.33 -6.69 12.15
N GLY B 178 -12.82 -6.71 10.92
CA GLY B 178 -12.55 -5.50 10.18
C GLY B 178 -11.19 -4.89 10.47
N GLY B 179 -10.48 -5.39 11.49
CA GLY B 179 -9.17 -4.86 11.80
C GLY B 179 -8.12 -5.43 10.85
N ALA B 180 -6.91 -4.91 10.98
CA ALA B 180 -5.84 -5.19 10.03
C ALA B 180 -4.67 -5.86 10.72
N ILE B 181 -4.11 -6.89 10.06
CA ILE B 181 -2.84 -7.49 10.48
C ILE B 181 -1.89 -7.30 9.30
N LEU B 182 -0.74 -6.68 9.53
CA LEU B 182 0.24 -6.43 8.47
C LEU B 182 1.47 -7.28 8.74
N TYR B 183 1.86 -8.09 7.76
CA TYR B 183 3.07 -8.90 7.86
C TYR B 183 4.17 -8.25 7.06
N ASP B 184 5.32 -7.98 7.71
CA ASP B 184 6.41 -7.30 7.05
C ASP B 184 7.38 -8.31 6.46
N ASN B 185 8.00 -7.92 5.33
CA ASN B 185 9.07 -8.68 4.68
C ASN B 185 8.56 -9.90 3.92
N THR B 186 7.30 -9.92 3.49
CA THR B 186 6.75 -11.13 2.87
C THR B 186 7.26 -11.41 1.47
N LEU B 187 8.07 -10.53 0.89
CA LEU B 187 8.75 -10.88 -0.35
C LEU B 187 10.22 -11.23 -0.14
N TRP B 188 10.73 -11.03 1.08
CA TRP B 188 12.07 -11.47 1.52
C TRP B 188 13.12 -11.24 0.42
N TYR B 189 13.24 -9.97 -0.01
CA TYR B 189 14.25 -9.54 -0.96
C TYR B 189 14.11 -10.21 -2.33
N GLY B 190 12.91 -10.70 -2.64
CA GLY B 190 12.67 -11.36 -3.89
C GLY B 190 12.95 -12.84 -3.88
N SER B 191 13.51 -13.36 -2.78
CA SER B 191 13.95 -14.73 -2.78
C SER B 191 12.79 -15.72 -2.68
N VAL B 192 11.59 -15.26 -2.30
CA VAL B 192 10.44 -16.13 -2.27
C VAL B 192 9.96 -16.55 -3.65
N ALA B 193 10.44 -15.90 -4.72
CA ALA B 193 9.89 -16.19 -6.03
C ALA B 193 10.29 -17.55 -6.58
N TYR B 194 11.18 -18.29 -5.91
CA TYR B 194 11.67 -19.58 -6.43
C TYR B 194 11.55 -20.65 -5.37
N PRO B 195 11.25 -21.90 -5.75
CA PRO B 195 11.28 -22.96 -4.74
C PRO B 195 12.65 -23.13 -4.10
N GLU B 196 13.71 -23.08 -4.91
CA GLU B 196 15.07 -23.20 -4.42
C GLU B 196 15.81 -21.89 -4.70
N TYR B 197 16.76 -21.54 -3.83
CA TYR B 197 17.45 -20.27 -3.97
C TYR B 197 18.86 -20.47 -3.43
N PRO B 198 19.89 -19.99 -4.12
CA PRO B 198 21.27 -20.34 -3.70
C PRO B 198 21.85 -19.50 -2.58
N GLY B 199 22.62 -20.16 -1.71
CA GLY B 199 23.65 -19.47 -0.92
C GLY B 199 23.20 -18.58 0.21
N LEU B 200 22.00 -18.77 0.75
CA LEU B 200 21.59 -17.92 1.86
C LEU B 200 22.15 -18.43 3.19
N HIS B 201 22.27 -17.52 4.12
CA HIS B 201 22.49 -17.92 5.51
C HIS B 201 21.38 -18.88 5.95
N PRO B 202 21.69 -19.91 6.76
CA PRO B 202 20.63 -20.82 7.21
C PRO B 202 19.41 -20.11 7.77
N GLU B 203 19.61 -19.03 8.53
CA GLU B 203 18.48 -18.28 9.06
C GLU B 203 17.66 -17.64 7.94
N GLU B 204 18.35 -17.06 6.95
CA GLU B 204 17.65 -16.46 5.81
C GLU B 204 16.89 -17.52 5.01
N GLU B 205 17.45 -18.73 4.91
CA GLU B 205 16.76 -19.78 4.16
C GLU B 205 15.52 -20.25 4.92
N VAL B 206 15.62 -20.39 6.25
CA VAL B 206 14.44 -20.77 7.05
C VAL B 206 13.35 -19.72 6.89
N ALA B 207 13.73 -18.45 6.93
CA ALA B 207 12.77 -17.37 6.73
C ALA B 207 12.16 -17.43 5.33
N ARG B 208 12.98 -17.68 4.31
CA ARG B 208 12.49 -17.74 2.94
C ARG B 208 11.40 -18.80 2.79
N LEU B 209 11.66 -20.01 3.32
CA LEU B 209 10.65 -21.07 3.25
C LEU B 209 9.43 -20.75 4.09
N SER B 210 9.63 -20.14 5.26
CA SER B 210 8.48 -19.73 6.06
C SER B 210 7.60 -18.75 5.29
N PHE B 211 8.21 -17.84 4.53
CA PHE B 211 7.40 -16.84 3.83
C PHE B 211 6.70 -17.46 2.64
N ARG B 212 7.37 -18.34 1.90
CA ARG B 212 6.66 -19.05 0.83
C ARG B 212 5.46 -19.79 1.38
N ASN B 213 5.64 -20.49 2.51
N ASN B 213 5.62 -20.46 2.53
CA ASN B 213 4.51 -21.19 3.13
CA ASN B 213 4.49 -21.18 3.10
C ASN B 213 3.44 -20.20 3.57
C ASN B 213 3.42 -20.23 3.64
N LEU B 214 3.85 -19.12 4.25
CA LEU B 214 2.91 -18.13 4.76
C LEU B 214 2.12 -17.48 3.63
N ASN B 215 2.81 -17.08 2.56
CA ASN B 215 2.09 -16.41 1.47
C ASN B 215 1.03 -17.32 0.89
N THR B 216 1.34 -18.61 0.71
CA THR B 216 0.37 -19.55 0.18
C THR B 216 -0.80 -19.71 1.17
N PHE B 217 -0.47 -19.86 2.44
CA PHE B 217 -1.51 -20.06 3.45
C PHE B 217 -2.45 -18.88 3.53
N LEU B 218 -1.88 -17.68 3.63
CA LEU B 218 -2.72 -16.48 3.74
C LEU B 218 -3.60 -16.31 2.52
N ALA B 219 -3.10 -16.63 1.32
CA ALA B 219 -3.97 -16.54 0.15
C ALA B 219 -5.14 -17.50 0.23
N ALA B 220 -5.00 -18.58 1.00
CA ALA B 220 -6.04 -19.60 1.14
C ALA B 220 -6.91 -19.42 2.38
N ASP B 221 -6.61 -18.46 3.27
CA ASP B 221 -7.18 -18.39 4.61
C ASP B 221 -8.54 -17.70 4.58
N PRO B 222 -9.63 -18.43 4.83
CA PRO B 222 -10.96 -17.80 4.74
C PRO B 222 -11.24 -16.76 5.82
N ARG B 223 -10.43 -16.71 6.88
CA ARG B 223 -10.69 -15.76 7.95
C ARG B 223 -10.31 -14.33 7.56
N VAL B 224 -9.54 -14.15 6.49
CA VAL B 224 -9.07 -12.81 6.13
C VAL B 224 -9.25 -12.59 4.63
N GLU B 225 -9.32 -11.32 4.25
N GLU B 225 -9.35 -11.32 4.26
CA GLU B 225 -9.00 -10.91 2.89
CA GLU B 225 -8.99 -10.87 2.92
C GLU B 225 -7.63 -10.26 2.93
C GLU B 225 -7.56 -10.39 2.98
N ILE B 226 -6.90 -10.34 1.82
CA ILE B 226 -5.49 -9.98 1.82
C ILE B 226 -5.15 -9.05 0.67
N SER B 227 -4.04 -8.34 0.85
CA SER B 227 -3.40 -7.60 -0.24
C SER B 227 -1.90 -7.65 0.02
N GLN B 228 -1.16 -8.33 -0.85
CA GLN B 228 0.30 -8.30 -0.76
C GLN B 228 0.78 -7.11 -1.57
N VAL B 229 1.52 -6.20 -0.92
CA VAL B 229 1.92 -4.90 -1.50
C VAL B 229 3.43 -4.89 -1.66
N SER B 230 3.91 -4.64 -2.88
CA SER B 230 5.35 -4.58 -3.17
C SER B 230 5.99 -3.26 -2.72
N ILE B 231 5.84 -2.94 -1.44
CA ILE B 231 6.48 -1.78 -0.82
C ILE B 231 7.47 -2.28 0.23
N GLY B 232 8.60 -1.58 0.36
CA GLY B 232 9.60 -1.99 1.34
C GLY B 232 10.23 -3.30 0.93
N ASP B 233 9.98 -4.36 1.70
CA ASP B 233 10.37 -5.71 1.33
C ASP B 233 9.15 -6.62 1.19
N GLY B 234 8.00 -6.03 0.84
CA GLY B 234 6.74 -6.76 0.73
C GLY B 234 5.99 -6.62 2.04
N VAL B 235 4.75 -6.12 1.98
CA VAL B 235 3.90 -6.06 3.16
C VAL B 235 2.60 -6.74 2.79
N THR B 236 2.18 -7.72 3.57
CA THR B 236 0.87 -8.33 3.30
C THR B 236 -0.12 -7.80 4.32
N ILE B 237 -1.14 -7.08 3.83
CA ILE B 237 -2.23 -6.57 4.66
C ILE B 237 -3.29 -7.63 4.70
N CYS B 238 -3.74 -7.98 5.90
CA CYS B 238 -4.85 -8.90 6.07
C CYS B 238 -5.95 -8.16 6.80
N ARG B 239 -7.21 -8.40 6.39
CA ARG B 239 -8.35 -7.79 7.07
C ARG B 239 -9.24 -8.90 7.58
N ARG B 240 -9.54 -8.88 8.89
CA ARG B 240 -10.26 -10.00 9.49
C ARG B 240 -11.73 -10.00 9.07
N LEU B 241 -12.21 -11.14 8.59
CA LEU B 241 -13.58 -11.21 8.07
C LEU B 241 -14.59 -11.68 9.10
N TYR B 242 -14.17 -12.58 9.99
CA TYR B 242 -15.04 -13.13 11.05
C TYR B 242 -14.15 -13.63 12.18
C1 GOL C . 17.83 7.35 -18.16
O1 GOL C . 18.60 8.41 -17.66
C2 GOL C . 18.63 6.04 -17.93
O2 GOL C . 19.97 6.28 -17.64
C3 GOL C . 17.89 5.30 -16.81
O3 GOL C . 18.43 4.02 -16.73
C1 GOL D . 5.11 18.93 4.68
O1 GOL D . 4.29 18.19 5.53
C2 GOL D . 4.19 19.77 3.77
O2 GOL D . 2.97 20.03 4.36
C3 GOL D . 4.99 21.06 3.50
O3 GOL D . 6.31 20.68 3.30
MG MG E . -3.31 3.65 -14.51
N SAH F . -8.61 2.68 -14.34
CA SAH F . -8.59 1.80 -15.53
CB SAH F . -7.52 2.29 -16.52
CG SAH F . -7.74 3.71 -17.01
SD SAH F . -6.87 3.97 -18.57
C SAH F . -8.35 0.35 -15.11
O SAH F . -8.75 -0.03 -14.02
OXT SAH F . -7.81 -0.49 -15.85
C5' SAH F . -7.23 5.73 -18.78
C4' SAH F . -8.68 6.08 -19.14
O4' SAH F . -8.79 7.49 -19.08
C3' SAH F . -9.10 5.69 -20.56
O3' SAH F . -10.28 4.87 -20.56
C2' SAH F . -9.37 7.01 -21.28
O2' SAH F . -10.43 6.94 -22.20
C1' SAH F . -9.67 7.92 -20.11
N9 SAH F . -9.41 9.34 -20.37
C8 SAH F . -8.39 9.93 -21.06
N7 SAH F . -8.56 11.27 -20.97
C5 SAH F . -9.69 11.53 -20.25
C6 SAH F . -10.35 12.69 -19.86
N6 SAH F . -9.88 13.89 -20.19
N1 SAH F . -11.50 12.59 -19.10
C2 SAH F . -12.00 11.37 -18.73
N3 SAH F . -11.36 10.22 -19.11
C4 SAH F . -10.22 10.31 -19.86
C1 GOL G . -10.97 -18.04 0.70
O1 GOL G . -9.75 -18.21 1.32
C2 GOL G . -10.70 -18.03 -0.80
O2 GOL G . -10.29 -16.79 -1.23
C3 GOL G . -9.64 -19.12 -1.02
O3 GOL G . -8.79 -18.68 -2.04
MG MG H . 10.71 -5.97 8.63
N SAH I . 9.76 -3.00 13.00
CA SAH I . 11.17 -2.64 13.18
CB SAH I . 12.09 -3.75 12.69
CG SAH I . 11.98 -5.06 13.48
SD SAH I . 13.49 -6.01 13.18
C SAH I . 11.45 -1.33 12.45
O SAH I . 10.56 -0.49 12.34
OXT SAH I . 12.55 -1.03 11.97
C5' SAH I . 12.98 -7.52 14.03
C4' SAH I . 12.91 -7.40 15.55
O4' SAH I . 12.28 -8.56 16.07
C3' SAH I . 14.22 -7.24 16.29
O3' SAH I . 14.21 -6.07 17.12
C2' SAH I . 14.31 -8.50 17.15
O2' SAH I . 14.91 -8.27 18.41
C1' SAH I . 12.86 -8.89 17.32
N9 SAH I . 12.58 -10.32 17.58
C8 SAH I . 13.21 -11.42 17.06
N7 SAH I . 12.60 -12.52 17.54
C5 SAH I . 11.57 -12.15 18.34
C6 SAH I . 10.62 -12.84 19.07
N6 SAH I . 10.54 -14.17 19.13
N1 SAH I . 9.70 -12.12 19.80
C2 SAH I . 9.72 -10.73 19.80
N3 SAH I . 10.66 -10.05 19.09
C4 SAH I . 11.57 -10.75 18.37
#